data_7ZMW
#
_entry.id   7ZMW
#
_cell.length_a   81.976
_cell.length_b   111.609
_cell.length_c   62.484
_cell.angle_alpha   90.000
_cell.angle_beta   90.000
_cell.angle_gamma   90.000
#
_symmetry.space_group_name_H-M   'C 2 2 21'
#
loop_
_entity.id
_entity.type
_entity.pdbx_description
1 polymer '14-3-3 protein sigma'
2 polymer 'non-natural peptide 1'
3 non-polymer 'MAGNESIUM ION'
4 water water
#
loop_
_entity_poly.entity_id
_entity_poly.type
_entity_poly.pdbx_seq_one_letter_code
_entity_poly.pdbx_strand_id
1 'polypeptide(L)'
;GAMGSMERASLIQKAKLAEQAERYEDMAAFMKGAVEKGEELSCEERNLLSVAYKNVVGGQRAAWRVLSSIEQKSNEEGSE
EKGPEVREYREKVETELQGVCDTVLGLLDSHLIKEAGDAESRVFYLKMKGDYYRYLAEVATGDDKKRIIDSARSAYQEAM
DISKKEMPPTNPIRLGLALNFSVFHYEIANSPEEAISLAKTTFDEAMADLHTLSEDSYKDSTLIMQLLRDNLTLWT
;
A
2 'polypeptide(L)' (KCJ)(SEP)(PPN)(B3S)(BAL)(PPN)K(NH2) B
#
loop_
_chem_comp.id
_chem_comp.type
_chem_comp.name
_chem_comp.formula
BAL peptide-like BETA-ALANINE 'C3 H7 N O2'
MG non-polymer 'MAGNESIUM ION' 'Mg 2'
NH2 non-polymer 'AMINO GROUP' 'H2 N'
#
# COMPACT_ATOMS: atom_id res chain seq x y z
N GLY A 1 -6.46 -19.71 -12.89
CA GLY A 1 -6.92 -20.20 -14.20
C GLY A 1 -6.42 -19.34 -15.31
N ALA A 2 -6.46 -18.02 -15.16
CA ALA A 2 -5.74 -17.20 -16.13
C ALA A 2 -4.34 -17.75 -16.26
N MET A 3 -3.66 -17.89 -15.13
CA MET A 3 -2.29 -18.38 -15.05
C MET A 3 -2.26 -19.79 -14.51
N GLY A 4 -3.42 -20.44 -14.44
CA GLY A 4 -3.52 -21.78 -13.89
C GLY A 4 -2.66 -22.82 -14.56
N SER A 5 -2.34 -22.63 -15.83
CA SER A 5 -1.54 -23.64 -16.53
C SER A 5 -0.04 -23.38 -16.46
N MET A 6 0.40 -22.24 -15.90
CA MET A 6 1.82 -21.99 -15.76
C MET A 6 2.36 -22.44 -14.42
N GLU A 7 3.58 -22.97 -14.45
CA GLU A 7 4.27 -23.37 -13.22
C GLU A 7 4.45 -22.19 -12.27
N ARG A 8 4.37 -22.46 -10.95
CA ARG A 8 4.62 -21.41 -9.98
C ARG A 8 5.96 -20.74 -10.21
N ALA A 9 7.03 -21.53 -10.35
CA ALA A 9 8.36 -20.95 -10.50
C ALA A 9 8.48 -20.10 -11.76
N SER A 10 7.79 -20.51 -12.84
CA SER A 10 7.81 -19.75 -14.09
C SER A 10 7.11 -18.40 -13.95
N LEU A 11 5.98 -18.38 -13.22
CA LEU A 11 5.28 -17.13 -12.89
C LEU A 11 6.17 -16.18 -12.09
N ILE A 12 6.93 -16.72 -11.13
CA ILE A 12 7.86 -15.90 -10.35
C ILE A 12 8.98 -15.37 -11.26
N GLN A 13 9.55 -16.26 -12.08
CA GLN A 13 10.59 -15.83 -13.03
C GLN A 13 10.09 -14.74 -13.96
N LYS A 14 8.85 -14.87 -14.45
CA LYS A 14 8.29 -13.88 -15.37
C LYS A 14 7.89 -12.59 -14.66
N ALA A 15 7.45 -12.67 -13.41
CA ALA A 15 7.26 -11.45 -12.63
C ALA A 15 8.56 -10.64 -12.51
N LYS A 16 9.70 -11.31 -12.30
CA LYS A 16 10.95 -10.58 -12.19
C LYS A 16 11.35 -9.96 -13.54
N LEU A 17 11.07 -10.66 -14.62
CA LEU A 17 11.32 -10.13 -15.96
C LEU A 17 10.43 -8.93 -16.25
N ALA A 18 9.15 -9.02 -15.86
CA ALA A 18 8.23 -7.90 -16.08
C ALA A 18 8.65 -6.70 -15.28
N GLU A 19 9.14 -6.89 -14.06
CA GLU A 19 9.65 -5.74 -13.30
C GLU A 19 10.79 -5.07 -14.06
N GLN A 20 11.70 -5.88 -14.58
CA GLN A 20 12.84 -5.34 -15.31
C GLN A 20 12.39 -4.56 -16.54
N ALA A 21 11.31 -5.03 -17.17
CA ALA A 21 10.76 -4.40 -18.33
C ALA A 21 9.77 -3.29 -18.01
N GLU A 22 9.56 -2.98 -16.73
CA GLU A 22 8.56 -2.00 -16.29
C GLU A 22 7.17 -2.32 -16.84
N ARG A 23 6.84 -3.61 -16.84
CA ARG A 23 5.53 -4.10 -17.28
C ARG A 23 4.74 -4.51 -16.06
N TYR A 24 4.24 -3.54 -15.33
CA TYR A 24 3.75 -3.87 -13.98
C TYR A 24 2.39 -4.52 -13.96
N GLU A 25 1.53 -4.25 -14.95
N GLU A 25 1.54 -4.26 -14.95
CA GLU A 25 0.29 -5.02 -15.06
CA GLU A 25 0.30 -5.01 -15.06
C GLU A 25 0.62 -6.49 -15.24
C GLU A 25 0.60 -6.48 -15.26
N ASP A 26 1.56 -6.79 -16.14
CA ASP A 26 1.99 -8.17 -16.33
C ASP A 26 2.55 -8.74 -15.04
N MET A 27 3.42 -7.95 -14.39
CA MET A 27 4.03 -8.36 -13.12
C MET A 27 2.94 -8.78 -12.15
N ALA A 28 1.91 -7.95 -11.99
CA ALA A 28 0.85 -8.22 -11.03
C ALA A 28 0.07 -9.47 -11.39
N ALA A 29 -0.26 -9.63 -12.67
CA ALA A 29 -0.98 -10.82 -13.09
C ALA A 29 -0.17 -12.09 -12.82
N PHE A 30 1.14 -12.03 -13.09
CA PHE A 30 1.99 -13.19 -12.79
C PHE A 30 2.00 -13.50 -11.29
N MET A 31 2.19 -12.48 -10.46
CA MET A 31 2.16 -12.70 -9.01
C MET A 31 0.80 -13.12 -8.48
N LYS A 32 -0.29 -12.58 -9.04
CA LYS A 32 -1.62 -13.08 -8.70
C LYS A 32 -1.71 -14.58 -8.99
N GLY A 33 -1.21 -14.99 -10.17
CA GLY A 33 -1.18 -16.41 -10.51
C GLY A 33 -0.36 -17.21 -9.52
N ALA A 34 0.81 -16.68 -9.13
CA ALA A 34 1.63 -17.41 -8.16
C ALA A 34 0.90 -17.59 -6.83
N VAL A 35 0.27 -16.52 -6.33
CA VAL A 35 -0.49 -16.62 -5.07
C VAL A 35 -1.56 -17.69 -5.18
N GLU A 36 -2.26 -17.73 -6.33
CA GLU A 36 -3.38 -18.64 -6.53
C GLU A 36 -2.92 -20.09 -6.61
N LYS A 37 -1.62 -20.34 -6.67
CA LYS A 37 -1.16 -21.72 -6.56
C LYS A 37 -1.41 -22.29 -5.18
N GLY A 38 -1.57 -21.44 -4.17
CA GLY A 38 -2.00 -21.89 -2.86
C GLY A 38 -0.91 -22.04 -1.84
N GLU A 39 0.36 -22.01 -2.25
CA GLU A 39 1.47 -22.05 -1.31
C GLU A 39 1.76 -20.66 -0.72
N GLU A 40 2.27 -20.66 0.51
CA GLU A 40 2.70 -19.41 1.12
C GLU A 40 3.78 -18.80 0.24
N LEU A 41 4.00 -17.51 0.45
CA LEU A 41 4.97 -16.73 -0.32
C LEU A 41 6.21 -16.52 0.52
N SER A 42 7.38 -16.65 -0.10
CA SER A 42 8.63 -16.28 0.57
C SER A 42 8.76 -14.77 0.73
N CYS A 43 9.80 -14.32 1.43
CA CYS A 43 10.01 -12.88 1.60
C CYS A 43 10.19 -12.17 0.26
N GLU A 44 11.03 -12.71 -0.62
CA GLU A 44 11.23 -12.09 -1.92
C GLU A 44 9.94 -12.09 -2.73
N GLU A 45 9.16 -13.16 -2.62
CA GLU A 45 7.91 -13.26 -3.36
C GLU A 45 6.87 -12.26 -2.87
N ARG A 46 6.81 -12.01 -1.54
CA ARG A 46 5.88 -11.02 -1.00
C ARG A 46 6.25 -9.64 -1.51
N ASN A 47 7.54 -9.37 -1.56
CA ASN A 47 8.04 -8.15 -2.14
C ASN A 47 7.58 -7.98 -3.56
N LEU A 48 7.71 -9.02 -4.38
CA LEU A 48 7.30 -8.90 -5.79
C LEU A 48 5.81 -8.59 -5.90
N LEU A 49 5.00 -9.25 -5.08
CA LEU A 49 3.57 -8.99 -5.05
C LEU A 49 3.28 -7.53 -4.77
N SER A 50 3.88 -7.00 -3.71
CA SER A 50 3.67 -5.61 -3.28
C SER A 50 4.16 -4.63 -4.33
N VAL A 51 5.36 -4.86 -4.86
CA VAL A 51 5.86 -3.93 -5.88
C VAL A 51 4.93 -3.86 -7.09
N ALA A 52 4.44 -5.02 -7.54
CA ALA A 52 3.63 -5.08 -8.75
C ALA A 52 2.36 -4.25 -8.57
N TYR A 53 1.61 -4.53 -7.50
CA TYR A 53 0.35 -3.82 -7.32
C TYR A 53 0.57 -2.38 -6.90
N LYS A 54 1.66 -2.07 -6.19
CA LYS A 54 1.97 -0.68 -5.90
C LYS A 54 2.03 0.15 -7.17
N ASN A 55 2.72 -0.38 -8.18
CA ASN A 55 2.89 0.35 -9.43
C ASN A 55 1.59 0.44 -10.22
N VAL A 56 0.84 -0.65 -10.30
CA VAL A 56 -0.44 -0.62 -11.01
C VAL A 56 -1.36 0.42 -10.38
N VAL A 57 -1.63 0.28 -9.07
N VAL A 57 -1.62 0.27 -9.07
CA VAL A 57 -2.58 1.19 -8.43
CA VAL A 57 -2.57 1.19 -8.41
C VAL A 57 -1.99 2.60 -8.36
C VAL A 57 -1.99 2.59 -8.36
N GLY A 58 -0.65 2.71 -8.35
CA GLY A 58 -0.04 4.03 -8.33
C GLY A 58 -0.34 4.82 -9.59
N GLY A 59 -0.26 4.18 -10.75
CA GLY A 59 -0.68 4.85 -11.98
C GLY A 59 -2.17 5.20 -12.01
N GLN A 60 -3.01 4.34 -11.46
CA GLN A 60 -4.44 4.63 -11.39
C GLN A 60 -4.72 5.81 -10.44
N ARG A 61 -4.05 5.85 -9.29
CA ARG A 61 -4.26 6.92 -8.33
C ARG A 61 -3.82 8.27 -8.91
N ALA A 62 -2.69 8.29 -9.59
CA ALA A 62 -2.21 9.52 -10.21
C ALA A 62 -3.19 9.99 -11.27
N ALA A 63 -3.73 9.08 -12.07
CA ALA A 63 -4.72 9.49 -13.08
C ALA A 63 -6.02 9.98 -12.45
N TRP A 64 -6.47 9.26 -11.40
CA TRP A 64 -7.69 9.66 -10.72
C TRP A 64 -7.53 11.06 -10.15
N ARG A 65 -6.35 11.36 -9.59
CA ARG A 65 -6.18 12.68 -8.99
C ARG A 65 -6.21 13.77 -10.05
N VAL A 66 -5.55 13.53 -11.18
CA VAL A 66 -5.60 14.46 -12.31
C VAL A 66 -7.06 14.72 -12.67
N LEU A 67 -7.83 13.65 -12.88
CA LEU A 67 -9.20 13.82 -13.37
C LEU A 67 -10.12 14.42 -12.30
N SER A 68 -9.94 14.03 -11.05
CA SER A 68 -10.71 14.62 -9.96
C SER A 68 -10.49 16.12 -9.91
N SER A 69 -9.24 16.56 -10.03
CA SER A 69 -8.93 17.99 -10.01
C SER A 69 -9.65 18.70 -11.15
N ILE A 70 -9.64 18.09 -12.34
CA ILE A 70 -10.32 18.72 -13.48
C ILE A 70 -11.83 18.81 -13.20
N GLU A 71 -12.39 17.71 -12.69
CA GLU A 71 -13.80 17.66 -12.36
C GLU A 71 -14.17 18.73 -11.34
N GLN A 72 -13.33 18.89 -10.31
CA GLN A 72 -13.62 19.88 -9.27
C GLN A 72 -13.61 21.29 -9.85
N LYS A 73 -12.64 21.60 -10.71
CA LYS A 73 -12.65 22.90 -11.37
C LYS A 73 -13.91 23.09 -12.20
N SER A 74 -14.38 22.03 -12.87
CA SER A 74 -15.62 22.11 -13.65
C SER A 74 -16.81 22.49 -12.80
N ASN A 75 -16.76 22.18 -11.49
CA ASN A 75 -17.80 22.55 -10.54
C ASN A 75 -17.34 23.72 -9.66
N GLU A 76 -17.10 24.86 -10.31
CA GLU A 76 -16.77 26.11 -9.63
C GLU A 76 -17.63 27.23 -10.23
N GLU A 77 -17.71 28.35 -9.52
CA GLU A 77 -18.31 29.55 -10.09
C GLU A 77 -17.53 29.99 -11.32
N GLY A 78 -18.24 30.19 -12.44
CA GLY A 78 -17.68 30.72 -13.66
C GLY A 78 -17.30 29.67 -14.69
N SER A 79 -17.31 28.40 -14.30
CA SER A 79 -16.90 27.31 -15.18
C SER A 79 -18.01 26.97 -16.16
N GLU A 80 -17.70 27.02 -17.45
CA GLU A 80 -18.67 26.63 -18.46
C GLU A 80 -18.98 25.14 -18.35
N GLU A 81 -20.24 24.78 -18.62
CA GLU A 81 -20.67 23.39 -18.58
C GLU A 81 -20.03 22.62 -19.73
N LYS A 82 -19.37 21.51 -19.41
CA LYS A 82 -18.72 20.70 -20.43
C LYS A 82 -19.38 19.34 -20.61
N GLY A 83 -20.46 19.07 -19.86
CA GLY A 83 -21.19 17.85 -20.03
C GLY A 83 -20.67 16.73 -19.14
N PRO A 84 -21.15 15.51 -19.36
CA PRO A 84 -20.88 14.42 -18.43
C PRO A 84 -19.51 13.76 -18.57
N GLU A 85 -18.68 14.19 -19.54
CA GLU A 85 -17.55 13.37 -19.93
C GLU A 85 -16.49 13.28 -18.83
N VAL A 86 -16.19 14.39 -18.16
CA VAL A 86 -15.15 14.36 -17.12
C VAL A 86 -15.56 13.46 -15.98
N ARG A 87 -16.81 13.58 -15.53
CA ARG A 87 -17.29 12.69 -14.47
C ARG A 87 -17.28 11.24 -14.93
N GLU A 88 -17.77 10.99 -16.15
CA GLU A 88 -17.79 9.63 -16.65
C GLU A 88 -16.41 9.01 -16.65
N TYR A 89 -15.42 9.74 -17.18
CA TYR A 89 -14.09 9.17 -17.30
C TYR A 89 -13.42 9.04 -15.93
N ARG A 90 -13.65 9.99 -15.03
CA ARG A 90 -13.19 9.82 -13.65
C ARG A 90 -13.78 8.56 -13.03
N GLU A 91 -15.07 8.33 -13.25
CA GLU A 91 -15.72 7.15 -12.72
C GLU A 91 -15.12 5.89 -13.34
N LYS A 92 -14.76 5.94 -14.62
CA LYS A 92 -14.19 4.76 -15.27
C LYS A 92 -12.88 4.39 -14.59
N VAL A 93 -12.02 5.39 -14.41
CA VAL A 93 -10.72 5.15 -13.77
C VAL A 93 -10.91 4.69 -12.33
N GLU A 94 -11.80 5.37 -11.59
CA GLU A 94 -12.13 4.99 -10.22
C GLU A 94 -12.59 3.54 -10.14
N THR A 95 -13.47 3.14 -11.05
CA THR A 95 -13.94 1.76 -11.00
C THR A 95 -12.81 0.78 -11.25
N GLU A 96 -11.91 1.09 -12.17
N GLU A 96 -11.90 1.08 -12.16
CA GLU A 96 -10.77 0.23 -12.46
CA GLU A 96 -10.82 0.12 -12.38
C GLU A 96 -9.84 0.14 -11.26
C GLU A 96 -9.86 0.10 -11.21
N LEU A 97 -9.61 1.26 -10.59
CA LEU A 97 -8.81 1.30 -9.35
C LEU A 97 -9.44 0.45 -8.25
N GLN A 98 -10.75 0.62 -8.03
CA GLN A 98 -11.45 -0.16 -7.03
C GLN A 98 -11.35 -1.63 -7.35
N GLY A 99 -11.38 -2.00 -8.63
CA GLY A 99 -11.28 -3.40 -8.97
C GLY A 99 -9.91 -3.97 -8.63
N VAL A 100 -8.86 -3.18 -8.85
CA VAL A 100 -7.52 -3.60 -8.49
C VAL A 100 -7.41 -3.73 -6.96
N CYS A 101 -7.92 -2.75 -6.23
CA CYS A 101 -7.88 -2.88 -4.77
C CYS A 101 -8.62 -4.13 -4.32
N ASP A 102 -9.81 -4.35 -4.88
CA ASP A 102 -10.59 -5.54 -4.52
C ASP A 102 -9.83 -6.81 -4.83
N THR A 103 -9.11 -6.84 -5.95
CA THR A 103 -8.34 -8.04 -6.30
C THR A 103 -7.25 -8.33 -5.26
N VAL A 104 -6.53 -7.31 -4.83
CA VAL A 104 -5.47 -7.50 -3.83
C VAL A 104 -6.08 -7.95 -2.51
N LEU A 105 -7.16 -7.29 -2.12
CA LEU A 105 -7.80 -7.63 -0.85
C LEU A 105 -8.31 -9.08 -0.89
N GLY A 106 -8.78 -9.49 -2.05
CA GLY A 106 -9.23 -10.87 -2.21
C GLY A 106 -8.11 -11.87 -2.04
N LEU A 107 -6.93 -11.53 -2.58
CA LEU A 107 -5.76 -12.39 -2.41
C LEU A 107 -5.38 -12.46 -0.94
N LEU A 108 -5.41 -11.31 -0.25
CA LEU A 108 -5.07 -11.31 1.18
C LEU A 108 -6.05 -12.16 1.96
N ASP A 109 -7.34 -12.07 1.63
CA ASP A 109 -8.37 -12.78 2.35
C ASP A 109 -8.50 -14.24 1.93
N SER A 110 -8.02 -14.58 0.74
CA SER A 110 -8.10 -15.93 0.19
C SER A 110 -6.78 -16.37 -0.44
N HIS A 111 -5.80 -16.77 0.37
CA HIS A 111 -5.83 -17.07 1.80
C HIS A 111 -4.54 -16.65 2.45
N LEU A 112 -3.96 -15.54 1.97
CA LEU A 112 -2.60 -15.20 2.41
C LEU A 112 -2.54 -14.92 3.91
N ILE A 113 -3.48 -14.13 4.42
CA ILE A 113 -3.38 -13.70 5.81
C ILE A 113 -3.56 -14.90 6.75
N LYS A 114 -4.59 -15.72 6.51
CA LYS A 114 -4.88 -16.78 7.46
C LYS A 114 -3.76 -17.81 7.53
N GLU A 115 -2.99 -17.98 6.46
CA GLU A 115 -1.88 -18.93 6.55
C GLU A 115 -0.57 -18.30 7.04
N ALA A 116 -0.54 -16.99 7.31
CA ALA A 116 0.71 -16.30 7.63
C ALA A 116 0.89 -16.37 9.15
N GLY A 117 1.80 -17.23 9.58
CA GLY A 117 2.05 -17.40 11.01
C GLY A 117 3.21 -16.60 11.57
N ASP A 118 4.20 -16.36 10.73
CA ASP A 118 5.36 -15.62 11.19
C ASP A 118 5.04 -14.15 11.24
N ALA A 119 5.58 -13.49 12.27
CA ALA A 119 5.41 -12.04 12.41
C ALA A 119 5.67 -11.30 11.12
N GLU A 120 6.78 -11.60 10.43
CA GLU A 120 7.17 -10.81 9.28
C GLU A 120 6.14 -10.95 8.15
N SER A 121 5.65 -12.17 7.93
CA SER A 121 4.67 -12.35 6.85
C SER A 121 3.31 -11.79 7.26
N ARG A 122 2.87 -12.05 8.51
CA ARG A 122 1.56 -11.57 8.91
C ARG A 122 1.50 -10.05 8.92
N VAL A 123 2.52 -9.37 9.46
CA VAL A 123 2.52 -7.91 9.44
C VAL A 123 2.58 -7.38 8.01
N PHE A 124 3.40 -8.01 7.15
CA PHE A 124 3.49 -7.58 5.74
C PHE A 124 2.10 -7.55 5.11
N TYR A 125 1.34 -8.64 5.30
CA TYR A 125 0.05 -8.74 4.62
C TYR A 125 -0.99 -7.82 5.21
N LEU A 126 -0.97 -7.68 6.55
CA LEU A 126 -1.90 -6.77 7.19
C LEU A 126 -1.60 -5.32 6.79
N LYS A 127 -0.31 -4.94 6.69
CA LYS A 127 0.02 -3.64 6.14
C LYS A 127 -0.59 -3.48 4.74
N MET A 128 -0.42 -4.50 3.87
CA MET A 128 -1.03 -4.37 2.56
C MET A 128 -2.53 -4.19 2.67
N LYS A 129 -3.18 -4.94 3.55
CA LYS A 129 -4.62 -4.81 3.70
C LYS A 129 -4.99 -3.39 4.08
N GLY A 130 -4.21 -2.79 4.99
CA GLY A 130 -4.46 -1.39 5.33
C GLY A 130 -4.24 -0.45 4.15
N ASP A 131 -3.15 -0.67 3.42
CA ASP A 131 -2.85 0.18 2.28
C ASP A 131 -3.98 0.15 1.26
N TYR A 132 -4.47 -1.04 0.91
CA TYR A 132 -5.43 -1.10 -0.21
C TYR A 132 -6.82 -0.66 0.23
N TYR A 133 -7.17 -0.80 1.51
CA TYR A 133 -8.37 -0.10 1.99
C TYR A 133 -8.16 1.42 2.02
N ARG A 134 -6.95 1.87 2.34
CA ARG A 134 -6.69 3.30 2.27
C ARG A 134 -6.89 3.82 0.84
N TYR A 135 -6.41 3.09 -0.16
CA TYR A 135 -6.64 3.56 -1.54
C TYR A 135 -8.12 3.59 -1.89
N LEU A 136 -8.89 2.58 -1.45
CA LEU A 136 -10.33 2.66 -1.56
C LEU A 136 -10.87 3.87 -0.82
N ALA A 137 -10.35 4.15 0.37
CA ALA A 137 -10.84 5.32 1.10
C ALA A 137 -10.57 6.64 0.37
N GLU A 138 -9.46 6.74 -0.36
CA GLU A 138 -9.12 7.99 -1.03
C GLU A 138 -10.21 8.41 -2.02
N VAL A 139 -10.95 7.45 -2.55
CA VAL A 139 -11.95 7.73 -3.58
C VAL A 139 -13.37 7.53 -3.08
N ALA A 140 -13.55 7.13 -1.83
CA ALA A 140 -14.86 6.82 -1.30
C ALA A 140 -15.61 8.09 -0.93
N THR A 141 -16.90 8.14 -1.28
CA THR A 141 -17.73 9.33 -1.06
C THR A 141 -19.11 9.00 -0.56
N GLY A 142 -19.50 7.72 -0.51
CA GLY A 142 -20.87 7.36 -0.17
C GLY A 142 -21.04 6.72 1.18
N ASP A 143 -22.01 5.79 1.26
CA ASP A 143 -22.47 5.22 2.53
C ASP A 143 -21.39 4.44 3.25
N ASP A 144 -20.43 3.88 2.51
CA ASP A 144 -19.49 2.92 3.04
C ASP A 144 -18.14 3.55 3.35
N LYS A 145 -17.99 4.86 3.13
CA LYS A 145 -16.72 5.53 3.43
C LYS A 145 -16.26 5.23 4.85
N LYS A 146 -17.16 5.33 5.83
CA LYS A 146 -16.68 5.18 7.20
C LYS A 146 -16.21 3.77 7.45
N ARG A 147 -16.91 2.77 6.87
CA ARG A 147 -16.54 1.38 7.09
C ARG A 147 -15.23 1.05 6.39
N ILE A 148 -15.03 1.61 5.21
CA ILE A 148 -13.78 1.44 4.48
C ILE A 148 -12.61 2.00 5.30
N ILE A 149 -12.78 3.22 5.82
CA ILE A 149 -11.76 3.83 6.67
C ILE A 149 -11.50 2.96 7.91
N ASP A 150 -12.56 2.43 8.52
CA ASP A 150 -12.35 1.64 9.73
C ASP A 150 -11.68 0.32 9.38
N SER A 151 -11.94 -0.21 8.19
CA SER A 151 -11.26 -1.42 7.76
C SER A 151 -9.77 -1.19 7.57
N ALA A 152 -9.38 -0.06 6.97
CA ALA A 152 -7.97 0.30 6.90
C ALA A 152 -7.39 0.42 8.31
N ARG A 153 -8.03 1.22 9.16
N ARG A 153 -8.03 1.20 9.17
CA ARG A 153 -7.59 1.43 10.52
CA ARG A 153 -7.51 1.42 10.52
C ARG A 153 -7.32 0.10 11.23
C ARG A 153 -7.31 0.09 11.24
N SER A 154 -8.31 -0.80 11.14
CA SER A 154 -8.26 -2.06 11.86
C SER A 154 -7.09 -2.92 11.40
N ALA A 155 -6.89 -2.99 10.08
CA ALA A 155 -5.77 -3.77 9.54
C ALA A 155 -4.44 -3.20 9.99
N TYR A 156 -4.27 -1.89 9.85
CA TYR A 156 -3.04 -1.24 10.31
C TYR A 156 -2.80 -1.48 11.79
N GLN A 157 -3.86 -1.36 12.62
CA GLN A 157 -3.71 -1.52 14.06
C GLN A 157 -3.25 -2.92 14.44
N GLU A 158 -3.86 -3.95 13.83
CA GLU A 158 -3.45 -5.32 14.14
C GLU A 158 -1.98 -5.52 13.74
N ALA A 159 -1.58 -4.96 12.60
CA ALA A 159 -0.21 -5.06 12.15
C ALA A 159 0.73 -4.34 13.11
N MET A 160 0.32 -3.16 13.57
CA MET A 160 1.15 -2.44 14.54
C MET A 160 1.30 -3.23 15.83
N ASP A 161 0.21 -3.80 16.32
CA ASP A 161 0.29 -4.55 17.58
C ASP A 161 1.26 -5.72 17.47
N ILE A 162 1.17 -6.49 16.37
CA ILE A 162 2.11 -7.58 16.14
C ILE A 162 3.55 -7.08 15.97
N SER A 163 3.74 -6.01 15.17
CA SER A 163 5.09 -5.53 14.91
C SER A 163 5.73 -5.03 16.19
N LYS A 164 4.95 -4.39 17.06
CA LYS A 164 5.51 -3.90 18.31
C LYS A 164 5.96 -5.05 19.20
N LYS A 165 5.18 -6.12 19.25
CA LYS A 165 5.54 -7.26 20.10
C LYS A 165 6.68 -8.08 19.51
N GLU A 166 6.77 -8.20 18.19
CA GLU A 166 7.54 -9.25 17.57
C GLU A 166 8.72 -8.80 16.72
N MET A 167 8.88 -7.50 16.45
CA MET A 167 9.91 -7.02 15.56
C MET A 167 10.65 -5.86 16.20
N PRO A 168 11.93 -5.70 15.88
CA PRO A 168 12.70 -4.56 16.42
C PRO A 168 12.22 -3.25 15.79
N PRO A 169 12.48 -2.14 16.46
CA PRO A 169 12.01 -0.83 15.96
C PRO A 169 12.59 -0.44 14.63
N THR A 170 13.69 -1.05 14.21
CA THR A 170 14.31 -0.70 12.93
C THR A 170 13.90 -1.62 11.78
N ASN A 171 13.09 -2.60 12.05
CA ASN A 171 12.70 -3.53 11.00
C ASN A 171 12.02 -2.78 9.84
N PRO A 172 12.48 -2.96 8.59
CA PRO A 172 11.91 -2.14 7.50
C PRO A 172 10.42 -2.28 7.30
N ILE A 173 9.85 -3.47 7.54
CA ILE A 173 8.40 -3.63 7.40
C ILE A 173 7.69 -2.89 8.53
N ARG A 174 8.21 -3.01 9.76
CA ARG A 174 7.64 -2.24 10.87
C ARG A 174 7.66 -0.74 10.57
N LEU A 175 8.77 -0.23 10.02
CA LEU A 175 8.93 1.19 9.73
C LEU A 175 8.02 1.64 8.59
N GLY A 176 7.98 0.86 7.51
CA GLY A 176 7.07 1.22 6.42
C GLY A 176 5.62 1.15 6.84
N LEU A 177 5.29 0.20 7.72
CA LEU A 177 3.94 0.13 8.28
C LEU A 177 3.60 1.40 9.05
N ALA A 178 4.50 1.81 9.92
CA ALA A 178 4.23 2.98 10.75
C ALA A 178 4.15 4.23 9.89
N LEU A 179 5.06 4.38 8.93
CA LEU A 179 4.98 5.45 7.95
C LEU A 179 3.59 5.54 7.34
N ASN A 180 3.09 4.41 6.80
CA ASN A 180 1.81 4.41 6.08
C ASN A 180 0.61 4.60 7.00
N PHE A 181 0.68 4.10 8.23
CA PHE A 181 -0.41 4.32 9.17
C PHE A 181 -0.46 5.79 9.53
N SER A 182 0.71 6.41 9.60
CA SER A 182 0.80 7.84 9.85
C SER A 182 0.20 8.62 8.70
N VAL A 183 0.46 8.18 7.47
CA VAL A 183 -0.16 8.81 6.29
C VAL A 183 -1.67 8.63 6.32
N PHE A 184 -2.14 7.44 6.68
CA PHE A 184 -3.56 7.23 6.89
C PHE A 184 -4.12 8.27 7.86
N HIS A 185 -3.48 8.44 9.01
CA HIS A 185 -4.01 9.38 9.98
C HIS A 185 -4.08 10.78 9.39
N TYR A 186 -3.04 11.21 8.67
CA TYR A 186 -2.99 12.57 8.15
C TYR A 186 -3.96 12.78 6.99
N GLU A 187 -3.93 11.87 6.03
CA GLU A 187 -4.63 12.10 4.76
C GLU A 187 -6.05 11.56 4.74
N ILE A 188 -6.35 10.55 5.52
CA ILE A 188 -7.63 9.87 5.46
C ILE A 188 -8.47 10.15 6.68
N ALA A 189 -7.87 10.03 7.88
CA ALA A 189 -8.62 10.05 9.13
C ALA A 189 -8.76 11.42 9.77
N ASN A 190 -8.31 12.47 9.10
CA ASN A 190 -8.39 13.85 9.61
C ASN A 190 -7.78 13.92 11.01
N SER A 191 -6.67 13.21 11.23
CA SER A 191 -6.02 13.18 12.55
C SER A 191 -4.55 13.51 12.38
N PRO A 192 -4.24 14.76 12.00
CA PRO A 192 -2.84 15.12 11.76
C PRO A 192 -2.00 15.02 13.03
N GLU A 193 -2.57 15.26 14.20
CA GLU A 193 -1.75 15.18 15.41
C GLU A 193 -1.32 13.75 15.66
N GLU A 194 -2.24 12.80 15.47
CA GLU A 194 -1.87 11.40 15.58
C GLU A 194 -0.81 11.03 14.56
N ALA A 195 -0.96 11.52 13.33
CA ALA A 195 0.03 11.24 12.28
C ALA A 195 1.44 11.71 12.67
N ILE A 196 1.54 12.92 13.19
CA ILE A 196 2.81 13.52 13.62
C ILE A 196 3.38 12.76 14.82
N SER A 197 2.55 12.46 15.82
N SER A 197 2.55 12.47 15.81
CA SER A 197 3.00 11.72 16.98
CA SER A 197 3.01 11.72 16.98
C SER A 197 3.55 10.36 16.59
C SER A 197 3.56 10.37 16.58
N LEU A 198 2.81 9.63 15.76
CA LEU A 198 3.28 8.31 15.34
C LEU A 198 4.60 8.42 14.59
N ALA A 199 4.71 9.38 13.66
CA ALA A 199 5.94 9.49 12.88
C ALA A 199 7.14 9.82 13.78
N LYS A 200 6.94 10.73 14.73
CA LYS A 200 8.02 11.10 15.63
C LYS A 200 8.47 9.92 16.50
N THR A 201 7.52 9.28 17.17
CA THR A 201 7.85 8.15 18.03
C THR A 201 8.52 7.04 17.24
N THR A 202 8.01 6.76 16.05
CA THR A 202 8.60 5.72 15.20
C THR A 202 10.05 6.05 14.86
N PHE A 203 10.30 7.30 14.49
CA PHE A 203 11.64 7.71 14.12
C PHE A 203 12.59 7.62 15.32
N ASP A 204 12.16 8.16 16.47
CA ASP A 204 13.04 8.20 17.63
C ASP A 204 13.34 6.79 18.15
N GLU A 205 12.37 5.89 18.14
CA GLU A 205 12.66 4.53 18.59
C GLU A 205 13.55 3.78 17.61
N ALA A 206 13.42 4.04 16.30
CA ALA A 206 14.36 3.40 15.39
C ALA A 206 15.76 3.99 15.59
N MET A 207 15.87 5.32 15.70
CA MET A 207 17.18 5.94 15.92
C MET A 207 17.92 5.24 17.04
N ALA A 208 17.24 5.00 18.15
CA ALA A 208 17.86 4.40 19.34
C ALA A 208 18.21 2.92 19.15
N ASP A 209 17.76 2.27 18.08
CA ASP A 209 18.07 0.87 17.79
C ASP A 209 19.09 0.70 16.65
N LEU A 210 19.50 1.78 16.01
CA LEU A 210 20.39 1.64 14.86
C LEU A 210 21.72 0.99 15.27
N HIS A 211 22.15 1.22 16.51
CA HIS A 211 23.46 0.74 16.96
C HIS A 211 23.57 -0.78 16.91
N THR A 212 22.44 -1.48 16.81
CA THR A 212 22.47 -2.94 16.85
C THR A 212 22.73 -3.54 15.50
N LEU A 213 22.73 -2.71 14.44
CA LEU A 213 22.61 -3.15 13.07
C LEU A 213 23.94 -3.23 12.34
N SER A 214 24.00 -4.12 11.36
CA SER A 214 25.03 -4.09 10.32
C SER A 214 24.91 -2.86 9.41
N GLU A 215 25.98 -2.65 8.65
CA GLU A 215 25.99 -1.56 7.69
C GLU A 215 24.86 -1.68 6.68
N ASP A 216 24.58 -2.91 6.22
CA ASP A 216 23.50 -3.07 5.23
C ASP A 216 22.12 -2.86 5.84
N SER A 217 21.89 -3.38 7.05
CA SER A 217 20.58 -3.15 7.66
C SER A 217 20.40 -1.68 8.02
N TYR A 218 21.47 -1.04 8.49
CA TYR A 218 21.42 0.38 8.79
C TYR A 218 21.00 1.18 7.57
N LYS A 219 21.54 0.83 6.38
CA LYS A 219 21.14 1.52 5.16
C LYS A 219 19.65 1.34 4.89
N ASP A 220 19.15 0.10 5.03
CA ASP A 220 17.73 -0.18 4.80
C ASP A 220 16.84 0.63 5.74
N SER A 221 17.19 0.63 7.03
CA SER A 221 16.34 1.29 8.02
C SER A 221 16.38 2.82 7.88
N THR A 222 17.57 3.39 7.71
CA THR A 222 17.67 4.85 7.62
C THR A 222 16.97 5.38 6.37
N LEU A 223 16.86 4.57 5.32
CA LEU A 223 16.14 5.02 4.12
C LEU A 223 14.68 5.32 4.46
N ILE A 224 14.05 4.41 5.21
CA ILE A 224 12.64 4.61 5.53
C ILE A 224 12.49 5.65 6.61
N MET A 225 13.45 5.73 7.54
CA MET A 225 13.40 6.77 8.54
C MET A 225 13.40 8.14 7.88
N GLN A 226 14.15 8.32 6.78
CA GLN A 226 14.14 9.60 6.09
C GLN A 226 12.75 9.95 5.56
N LEU A 227 11.97 8.96 5.12
CA LEU A 227 10.62 9.27 4.67
C LEU A 227 9.74 9.75 5.83
N LEU A 228 9.94 9.20 7.04
CA LEU A 228 9.24 9.72 8.20
C LEU A 228 9.61 11.19 8.45
N ARG A 229 10.90 11.51 8.37
CA ARG A 229 11.32 12.89 8.54
C ARG A 229 10.75 13.78 7.44
N ASP A 230 10.74 13.29 6.19
CA ASP A 230 10.20 14.10 5.10
C ASP A 230 8.74 14.44 5.38
N ASN A 231 7.97 13.46 5.84
CA ASN A 231 6.57 13.74 6.17
C ASN A 231 6.47 14.77 7.29
N LEU A 232 7.24 14.59 8.36
CA LEU A 232 7.24 15.54 9.47
C LEU A 232 7.61 16.94 9.01
N THR A 233 8.55 17.05 8.07
CA THR A 233 8.90 18.38 7.55
C THR A 233 7.74 18.97 6.77
N LEU A 234 7.01 18.14 6.03
CA LEU A 234 5.85 18.60 5.29
C LEU A 234 4.71 18.98 6.23
N TRP A 235 4.55 18.25 7.32
CA TRP A 235 3.36 18.39 8.13
C TRP A 235 3.50 19.39 9.25
N THR A 236 4.71 19.92 9.48
CA THR A 236 4.96 20.81 10.62
C THR A 236 5.76 22.07 10.27
C13 KCJ B 1 7.31 12.87 1.78
C15 KCJ B 1 7.31 13.17 -0.56
C KCJ B 1 4.85 8.73 1.98
CA KCJ B 1 5.28 10.01 1.29
C11 KCJ B 1 6.72 10.37 1.67
C12 KCJ B 1 7.04 11.72 1.09
N16 KCJ B 1 7.07 11.92 -0.28
N KCJ B 1 4.31 11.06 1.73
O KCJ B 1 4.85 8.69 3.20
S14 KCJ B 1 7.92 14.11 0.72
H1 KCJ B 1 7.19 13.00 2.73
H2 KCJ B 1 4.04 11.54 1.01
H4 KCJ B 1 7.15 13.54 -1.42
HA KCJ B 1 5.24 9.93 0.31
H18 KCJ B 1 7.35 9.70 1.31
H19 KCJ B 1 6.84 10.39 2.64
H KCJ B 1 4.73 11.62 2.33
N SEP B 2 4.47 7.70 1.20
CA SEP B 2 4.28 6.36 1.73
CB SEP B 2 2.91 5.81 1.34
OG SEP B 2 2.80 5.85 -0.09
C SEP B 2 5.38 5.42 1.24
O SEP B 2 6.19 5.86 0.43
P SEP B 2 1.43 5.35 -0.73
O1P SEP B 2 1.76 5.25 -2.21
O2P SEP B 2 1.15 4.01 -0.11
O3P SEP B 2 0.39 6.40 -0.38
H SEP B 2 4.31 7.85 0.36
HA SEP B 2 4.33 6.39 2.72
HB2 SEP B 2 2.21 6.37 1.75
HB3 SEP B 2 2.81 4.90 1.66
N PPN B 3 5.38 4.15 1.66
CA PPN B 3 6.41 3.16 1.34
C PPN B 3 5.72 1.79 1.35
O PPN B 3 5.28 1.36 2.41
CB PPN B 3 7.54 3.28 2.34
CG PPN B 3 8.80 2.62 1.85
CD1 PPN B 3 9.12 1.36 2.32
CD2 PPN B 3 9.62 3.23 0.91
CE1 PPN B 3 10.27 0.71 1.93
CE2 PPN B 3 10.80 2.62 0.51
CZ PPN B 3 11.06 1.33 0.98
N1 PPN B 3 12.31 0.69 0.57
O1 PPN B 3 12.67 -0.32 1.11
O2 PPN B 3 12.94 1.22 -0.31
H PPN B 3 4.72 3.88 2.16
HA PPN B 3 6.82 3.29 0.44
HB2 PPN B 3 7.27 2.87 3.19
HB3 PPN B 3 7.71 4.23 2.52
HD1 PPN B 3 8.53 0.93 2.92
HD2 PPN B 3 9.39 4.07 0.56
HE1 PPN B 3 10.50 -0.12 2.30
HE2 PPN B 3 11.40 3.07 -0.07
N B3S B 4 5.57 1.18 0.15
OD B3S B 4 3.06 1.86 0.16
CG B3S B 4 3.35 0.78 -0.76
CA B3S B 4 4.65 0.12 -0.35
CB B3S B 4 5.54 -0.72 -1.30
C B3S B 4 7.05 -0.59 -1.08
O B3S B 4 7.67 0.42 -1.46
H B3S B 4 6.15 1.45 -0.46
HD B3S B 4 3.52 2.53 -0.05
HG3 B3S B 4 3.43 1.14 -1.66
HG2 B3S B 4 2.61 0.13 -0.74
HA B3S B 4 4.28 -0.55 0.28
HB1 B3S B 4 5.29 -1.65 -1.19
HB2 B3S B 4 5.34 -0.44 -2.21
N BAL B 5 7.69 -1.63 -0.51
CB BAL B 5 8.46 -2.69 -1.17
CA BAL B 5 9.63 -2.18 -2.05
C BAL B 5 11.04 -2.43 -1.55
O BAL B 5 11.89 -1.53 -1.56
H BAL B 5 7.64 -1.67 0.36
HB3 BAL B 5 7.86 -3.22 -1.73
HB2 BAL B 5 8.84 -3.28 -0.48
HA1 BAL B 5 9.55 -2.58 -2.92
HA2 BAL B 5 9.52 -1.21 -2.16
N PPN B 6 11.22 -3.59 -0.89
CA PPN B 6 12.29 -3.89 0.07
C PPN B 6 13.50 -4.51 -0.65
O PPN B 6 13.38 -4.84 -1.84
CB PPN B 6 11.77 -4.80 1.20
CG PPN B 6 10.60 -4.16 1.91
CD1 PPN B 6 9.30 -4.52 1.58
CD2 PPN B 6 10.77 -3.11 2.80
CE1 PPN B 6 8.20 -3.89 2.13
CE2 PPN B 6 9.70 -2.49 3.44
CZ PPN B 6 8.42 -2.90 3.08
N1 PPN B 6 7.26 -2.20 3.66
O1 PPN B 6 7.44 -1.14 4.24
O2 PPN B 6 6.16 -2.66 3.46
H PPN B 6 10.64 -4.23 -1.05
HA PPN B 6 12.59 -3.05 0.48
HB2 PPN B 6 12.49 -4.97 1.85
HB3 PPN B 6 11.49 -5.66 0.83
HD1 PPN B 6 9.16 -5.21 0.95
HD2 PPN B 6 11.65 -2.80 2.99
HE1 PPN B 6 7.32 -4.12 1.86
HE2 PPN B 6 9.84 -1.82 4.09
N LYS B 7 14.59 -4.77 0.11
CA LYS B 7 15.90 -5.05 -0.50
C LYS B 7 16.89 -5.82 0.34
N NH2 B 8 17.48 -6.95 -0.40
HN1 NH2 B 8 17.02 -7.70 -0.17
HN2 NH2 B 8 17.38 -6.78 -1.28
MG MG C . 3.80 -27.33 -10.47
MG MG D . 1.99 -20.63 7.65
#